data_7BBU
#
_entry.id   7BBU
#
_cell.length_a   87.090
_cell.length_b   87.090
_cell.length_c   108.600
_cell.angle_alpha   90.000
_cell.angle_beta   90.000
_cell.angle_gamma   120.000
#
_symmetry.space_group_name_H-M   'P 32 2 1'
#
loop_
_entity.id
_entity.type
_entity.pdbx_description
1 polymer 'Bifunctional glutamate/proline--tRNA ligase'
2 non-polymer PROLINE
3 non-polymer ~{N}-(2,3-dihydro-1~{H}-inden-2-yl)-3-(piperidin-1-ylcarbonylamino)pyrazine-2-carboxamide
4 non-polymer 1,2-ETHANEDIOL
5 non-polymer 'NITRATE ION'
6 non-polymer 'ZINC ION'
7 non-polymer 'CHLORIDE ION'
8 water water
#
_entity_poly.entity_id   1
_entity_poly.type   'polypeptide(L)'
_entity_poly.pdbx_seq_one_letter_code
;SMSGAGEGQGPKKQTRLGLEAKKEENLADWYSQVITKSEMIEYHDISGCYILRPWAYAIWEAIKDFFDAEIKKLGVENCY
FPMFVSQSALEKEKTHVADFAPEVAWVTRSGKTELAEPIAIRPTSETVMYPAYAKWVQSHRDLPIKLNQWCNVVRWEFKH
PQPFLRTREFLWQEGHSAFATMEEAAEEVLQILDLYAQVYEELLAIPVVKGRKTEKEKFAGGDYTTTIEAFISASGRAIQ
GGTSHHLGQNFSKMFEIVFEDPKIPGEKQFAYQNSWGLTTRTIGVMTMVHGDNMGLVLPPRVACVQVVIIPCGITNALSE
EDKEALIAKCNDYRRRLLSVNIRVRADLRDNYSPGWKFNHWELKGVPIRLEVGPRDMKSCQFVAVRRDTGEKLTVAENEA
ETKLQAILEDIQVTLFTRASEDLKTHMVVANTMEDFQKILDSGKIVQIPFCGEIDCEDWIKKTTARDQDLEPGAPSMGAK
SLCIPFKPLCELQPGAKCVCGKNPAKYYTLFGRSY
;
_entity_poly.pdbx_strand_id   A
#
loop_
_chem_comp.id
_chem_comp.type
_chem_comp.name
_chem_comp.formula
CL non-polymer 'CHLORIDE ION' 'Cl -1'
EDO non-polymer 1,2-ETHANEDIOL 'C2 H6 O2'
MU5 non-polymer ~{N}-(2,3-dihydro-1~{H}-inden-2-yl)-3-(piperidin-1-ylcarbonylamino)pyrazine-2-carboxamide 'C20 H23 N5 O2'
NO3 non-polymer 'NITRATE ION' 'N O3 -1'
ZN non-polymer 'ZINC ION' 'Zn 2'
#
# COMPACT_ATOMS: atom_id res chain seq x y z
N THR A 15 10.81 -0.94 29.57
CA THR A 15 11.19 -1.52 28.29
C THR A 15 11.32 -3.04 28.44
N ARG A 16 10.91 -3.77 27.40
CA ARG A 16 10.87 -5.22 27.44
C ARG A 16 11.56 -5.81 26.22
N LEU A 17 11.85 -7.11 26.31
CA LEU A 17 12.61 -7.81 25.28
C LEU A 17 11.79 -7.97 24.00
N GLY A 18 10.75 -8.80 24.05
CA GLY A 18 9.92 -9.08 22.89
C GLY A 18 8.61 -8.32 22.92
N LEU A 19 7.64 -8.83 22.16
CA LEU A 19 6.32 -8.23 22.13
C LEU A 19 5.56 -8.59 23.41
N GLU A 20 4.59 -7.74 23.76
CA GLU A 20 3.78 -7.95 24.94
C GLU A 20 2.31 -8.20 24.65
N ALA A 21 1.83 -7.82 23.47
CA ALA A 21 0.42 -7.96 23.12
C ALA A 21 0.26 -8.95 21.97
N LYS A 22 -0.66 -9.90 22.14
CA LYS A 22 -0.96 -10.85 21.07
C LYS A 22 -1.74 -10.15 19.96
N LYS A 23 -1.49 -10.57 18.72
CA LYS A 23 -2.15 -9.95 17.58
C LYS A 23 -3.66 -10.15 17.61
N GLU A 24 -4.11 -11.29 18.14
CA GLU A 24 -5.54 -11.58 18.20
C GLU A 24 -6.20 -11.04 19.46
N GLU A 25 -5.43 -10.65 20.47
CA GLU A 25 -6.00 -10.10 21.71
C GLU A 25 -6.23 -8.61 21.57
N ASN A 26 -5.15 -7.83 21.50
CA ASN A 26 -5.20 -6.37 21.38
C ASN A 26 -4.45 -6.00 20.11
N LEU A 27 -5.18 -5.89 19.00
CA LEU A 27 -4.56 -5.60 17.72
C LEU A 27 -3.90 -4.22 17.71
N ALA A 28 -4.49 -3.26 18.40
CA ALA A 28 -3.92 -1.91 18.43
C ALA A 28 -2.57 -1.91 19.14
N ASP A 29 -2.51 -2.51 20.33
CA ASP A 29 -1.24 -2.58 21.05
C ASP A 29 -0.22 -3.42 20.29
N TRP A 30 -0.66 -4.52 19.68
CA TRP A 30 0.24 -5.33 18.87
C TRP A 30 0.85 -4.52 17.74
N TYR A 31 0.02 -3.74 17.04
CA TYR A 31 0.52 -2.92 15.93
C TYR A 31 1.56 -1.92 16.41
N SER A 32 1.28 -1.24 17.52
CA SER A 32 2.22 -0.24 18.04
C SER A 32 3.53 -0.88 18.49
N GLN A 33 3.46 -2.08 19.07
N GLN A 33 3.46 -2.08 19.08
CA GLN A 33 4.67 -2.76 19.51
CA GLN A 33 4.66 -2.76 19.51
C GLN A 33 5.48 -3.28 18.34
C GLN A 33 5.48 -3.25 18.33
N VAL A 34 4.82 -3.76 17.29
CA VAL A 34 5.53 -4.28 16.13
C VAL A 34 6.24 -3.16 15.38
N ILE A 35 5.56 -2.05 15.16
CA ILE A 35 6.16 -0.98 14.35
C ILE A 35 7.29 -0.29 15.09
N THR A 36 7.28 -0.28 16.42
CA THR A 36 8.34 0.38 17.16
C THR A 36 9.52 -0.55 17.45
N LYS A 37 9.24 -1.77 17.90
CA LYS A 37 10.32 -2.69 18.23
C LYS A 37 10.99 -3.29 17.00
N SER A 38 10.38 -3.17 15.82
CA SER A 38 11.07 -3.48 14.58
C SER A 38 11.86 -2.29 14.05
N GLU A 39 11.81 -1.15 14.77
CA GLU A 39 12.56 0.06 14.40
C GLU A 39 12.09 0.63 13.07
N MET A 40 10.78 0.58 12.84
CA MET A 40 10.16 1.16 11.66
C MET A 40 9.57 2.54 11.91
N ILE A 41 8.88 2.73 13.03
CA ILE A 41 8.11 3.94 13.31
C ILE A 41 8.60 4.54 14.62
N GLU A 42 8.80 5.85 14.62
CA GLU A 42 8.96 6.63 15.83
C GLU A 42 7.85 7.67 15.89
N TYR A 43 7.35 7.92 17.10
CA TYR A 43 6.23 8.84 17.25
C TYR A 43 6.70 10.28 17.30
N HIS A 44 5.88 11.17 16.77
CA HIS A 44 6.15 12.60 16.71
C HIS A 44 5.19 13.33 17.64
N ASP A 45 5.58 14.54 18.05
CA ASP A 45 4.76 15.31 18.98
C ASP A 45 3.59 16.03 18.29
N ILE A 46 3.39 15.82 16.99
CA ILE A 46 2.25 16.33 16.27
C ILE A 46 1.34 15.14 15.96
N SER A 47 0.12 15.17 16.46
CA SER A 47 -0.80 14.04 16.29
C SER A 47 -1.04 13.76 14.81
N GLY A 48 -1.05 12.48 14.47
CA GLY A 48 -1.27 12.06 13.10
C GLY A 48 -0.04 12.06 12.22
N CYS A 49 1.13 12.41 12.75
CA CYS A 49 2.38 12.40 12.02
C CYS A 49 3.35 11.44 12.67
N TYR A 50 4.07 10.68 11.85
CA TYR A 50 4.94 9.62 12.36
C TYR A 50 6.27 9.64 11.61
N ILE A 51 7.32 9.23 12.31
CA ILE A 51 8.67 9.21 11.76
C ILE A 51 8.89 7.89 11.05
N LEU A 52 9.40 7.95 9.81
CA LEU A 52 9.77 6.75 9.06
C LEU A 52 11.24 6.48 9.33
N ARG A 53 11.51 5.49 10.19
CA ARG A 53 12.87 5.07 10.43
C ARG A 53 13.38 4.26 9.23
N PRO A 54 14.71 4.15 9.08
CA PRO A 54 15.26 3.50 7.87
C PRO A 54 14.68 2.12 7.57
N TRP A 55 14.38 1.32 8.59
CA TRP A 55 13.82 0.00 8.33
C TRP A 55 12.48 0.09 7.61
N ALA A 56 11.68 1.11 7.92
CA ALA A 56 10.44 1.33 7.20
C ALA A 56 10.68 1.98 5.85
N TYR A 57 11.52 3.02 5.82
CA TYR A 57 11.74 3.77 4.58
C TYR A 57 12.37 2.89 3.50
N ALA A 58 13.15 1.88 3.90
CA ALA A 58 13.75 0.98 2.92
C ALA A 58 12.69 0.21 2.14
N ILE A 59 11.58 -0.14 2.80
CA ILE A 59 10.48 -0.80 2.10
C ILE A 59 9.88 0.14 1.06
N TRP A 60 9.69 1.42 1.44
CA TRP A 60 9.16 2.39 0.49
C TRP A 60 10.12 2.60 -0.67
N GLU A 61 11.42 2.56 -0.42
CA GLU A 61 12.40 2.67 -1.49
C GLU A 61 12.34 1.46 -2.42
N ALA A 62 12.05 0.28 -1.88
CA ALA A 62 11.87 -0.90 -2.73
C ALA A 62 10.65 -0.75 -3.63
N ILE A 63 9.54 -0.27 -3.07
CA ILE A 63 8.33 -0.03 -3.86
C ILE A 63 8.58 1.07 -4.88
N LYS A 64 9.26 2.14 -4.46
CA LYS A 64 9.54 3.24 -5.37
C LYS A 64 10.41 2.79 -6.54
N ASP A 65 11.47 2.04 -6.24
CA ASP A 65 12.38 1.59 -7.30
C ASP A 65 11.63 0.77 -8.35
N PHE A 66 10.75 -0.13 -7.91
CA PHE A 66 10.01 -0.96 -8.86
C PHE A 66 9.01 -0.12 -9.65
N PHE A 67 8.13 0.59 -8.95
CA PHE A 67 7.06 1.34 -9.63
C PHE A 67 7.63 2.42 -10.54
N ASP A 68 8.67 3.12 -10.09
CA ASP A 68 9.23 4.21 -10.88
C ASP A 68 9.78 3.70 -12.21
N ALA A 69 10.44 2.54 -12.19
CA ALA A 69 10.97 1.99 -13.43
C ALA A 69 9.84 1.51 -14.35
N GLU A 70 8.72 1.06 -13.79
CA GLU A 70 7.65 0.55 -14.62
C GLU A 70 6.92 1.68 -15.34
N ILE A 71 6.64 2.79 -14.66
CA ILE A 71 5.92 3.88 -15.31
C ILE A 71 6.81 4.57 -16.34
N LYS A 72 8.12 4.61 -16.10
CA LYS A 72 9.02 5.17 -17.10
C LYS A 72 9.01 4.32 -18.37
N LYS A 73 8.88 3.00 -18.22
CA LYS A 73 8.72 2.12 -19.38
C LYS A 73 7.43 2.41 -20.14
N LEU A 74 6.49 3.14 -19.53
CA LEU A 74 5.24 3.48 -20.17
C LEU A 74 5.22 4.90 -20.71
N GLY A 75 6.31 5.65 -20.60
CA GLY A 75 6.38 7.00 -21.12
C GLY A 75 6.09 8.09 -20.11
N VAL A 76 5.84 7.75 -18.86
CA VAL A 76 5.60 8.74 -17.82
C VAL A 76 6.94 9.32 -17.36
N GLU A 77 6.97 10.62 -17.13
CA GLU A 77 8.18 11.31 -16.73
C GLU A 77 7.98 11.95 -15.35
N ASN A 78 9.07 12.05 -14.61
CA ASN A 78 9.03 12.60 -13.25
C ASN A 78 9.19 14.11 -13.27
N CYS A 79 8.67 14.74 -12.22
CA CYS A 79 8.67 16.19 -12.09
C CYS A 79 8.50 16.53 -10.62
N TYR A 80 8.39 17.83 -10.34
CA TYR A 80 7.99 18.28 -9.00
C TYR A 80 7.29 19.61 -9.11
N PHE A 81 6.03 19.64 -8.69
CA PHE A 81 5.20 20.83 -8.60
C PHE A 81 5.21 21.37 -7.18
N PRO A 82 4.94 22.66 -6.99
CA PRO A 82 5.00 23.24 -5.64
C PRO A 82 4.00 22.61 -4.70
N MET A 83 4.31 22.67 -3.41
CA MET A 83 3.43 22.13 -2.38
C MET A 83 2.26 23.06 -2.09
N PHE A 84 2.43 24.36 -2.31
CA PHE A 84 1.41 25.33 -1.94
C PHE A 84 0.45 25.58 -3.09
N VAL A 85 -0.83 25.69 -2.75
CA VAL A 85 -1.90 25.94 -3.71
C VAL A 85 -2.54 27.28 -3.35
N SER A 86 -2.77 28.11 -4.37
CA SER A 86 -3.52 29.33 -4.15
C SER A 86 -4.99 29.00 -3.91
N GLN A 87 -5.67 29.88 -3.16
CA GLN A 87 -7.11 29.70 -2.97
C GLN A 87 -7.84 29.77 -4.30
N SER A 88 -7.37 30.62 -5.22
CA SER A 88 -8.00 30.74 -6.53
C SER A 88 -7.97 29.43 -7.30
N ALA A 89 -6.85 28.71 -7.22
CA ALA A 89 -6.75 27.43 -7.91
C ALA A 89 -7.73 26.42 -7.33
N LEU A 90 -7.86 26.37 -6.00
CA LEU A 90 -8.80 25.46 -5.38
C LEU A 90 -10.24 25.83 -5.70
N GLU A 91 -10.54 27.13 -5.82
CA GLU A 91 -11.89 27.58 -6.14
C GLU A 91 -12.32 27.16 -7.54
N LYS A 92 -11.36 26.89 -8.44
CA LYS A 92 -11.71 26.41 -9.78
C LYS A 92 -12.44 25.07 -9.71
N GLU A 93 -12.21 24.30 -8.65
CA GLU A 93 -12.80 22.98 -8.51
C GLU A 93 -14.10 23.04 -7.70
N ALA A 101 -12.03 20.32 1.11
CA ALA A 101 -11.93 21.64 1.73
C ALA A 101 -11.65 21.59 3.25
N PRO A 102 -12.44 20.82 4.02
CA PRO A 102 -12.25 20.87 5.48
C PRO A 102 -11.01 20.12 5.97
N GLU A 103 -10.32 19.38 5.12
CA GLU A 103 -9.10 18.68 5.51
C GLU A 103 -7.84 19.37 4.99
N VAL A 104 -7.98 20.54 4.38
CA VAL A 104 -6.86 21.26 3.79
C VAL A 104 -6.21 22.14 4.84
N ALA A 105 -4.88 22.06 4.94
CA ALA A 105 -4.12 22.84 5.90
C ALA A 105 -3.71 24.17 5.29
N TRP A 106 -3.95 25.26 6.01
CA TRP A 106 -3.73 26.60 5.49
C TRP A 106 -2.57 27.28 6.22
N VAL A 107 -1.64 27.82 5.45
CA VAL A 107 -0.57 28.66 5.97
C VAL A 107 -1.05 30.10 5.95
N THR A 108 -0.99 30.79 7.09
CA THR A 108 -1.53 32.12 7.21
C THR A 108 -0.52 33.19 7.61
N ARG A 109 0.70 32.81 7.99
CA ARG A 109 1.71 33.81 8.35
C ARG A 109 3.09 33.20 8.21
N SER A 110 4.07 34.08 8.01
CA SER A 110 5.49 33.72 7.93
C SER A 110 6.19 34.40 9.09
N GLY A 111 6.57 33.61 10.10
CA GLY A 111 7.13 34.21 11.29
C GLY A 111 6.06 35.01 12.02
N LYS A 112 6.33 36.30 12.23
CA LYS A 112 5.40 37.17 12.94
C LYS A 112 4.51 37.98 12.01
N THR A 113 4.76 37.98 10.72
CA THR A 113 4.00 38.79 9.78
C THR A 113 2.94 37.93 9.08
N GLU A 114 1.72 38.44 9.03
CA GLU A 114 0.61 37.72 8.42
C GLU A 114 0.67 37.84 6.91
N LEU A 115 0.37 36.73 6.22
CA LEU A 115 0.36 36.75 4.77
C LEU A 115 -0.83 37.56 4.25
N ALA A 116 -0.69 38.05 3.02
CA ALA A 116 -1.76 38.82 2.40
C ALA A 116 -3.04 38.00 2.32
N GLU A 117 -2.94 36.74 1.92
CA GLU A 117 -4.06 35.82 1.93
C GLU A 117 -3.54 34.43 2.23
N PRO A 118 -4.35 33.57 2.86
CA PRO A 118 -3.88 32.22 3.18
C PRO A 118 -3.53 31.42 1.94
N ILE A 119 -2.59 30.49 2.10
CA ILE A 119 -2.21 29.57 1.04
C ILE A 119 -2.31 28.15 1.60
N ALA A 120 -2.71 27.23 0.75
CA ALA A 120 -3.03 25.87 1.17
C ALA A 120 -1.87 24.92 0.91
N ILE A 121 -1.75 23.91 1.76
CA ILE A 121 -0.85 22.79 1.53
C ILE A 121 -1.61 21.74 0.73
N ARG A 122 -0.95 21.17 -0.27
CA ARG A 122 -1.61 20.23 -1.18
C ARG A 122 -2.12 19.00 -0.44
N PRO A 123 -3.42 18.70 -0.51
CA PRO A 123 -3.88 17.34 -0.19
C PRO A 123 -3.77 16.41 -1.39
N THR A 124 -3.57 16.99 -2.57
CA THR A 124 -3.43 16.37 -3.88
C THR A 124 -3.19 17.53 -4.84
N SER A 125 -2.59 17.23 -5.99
CA SER A 125 -2.01 18.28 -6.83
C SER A 125 -2.75 18.49 -8.15
N GLU A 126 -4.04 18.15 -8.21
CA GLU A 126 -4.81 18.43 -9.42
C GLU A 126 -4.83 19.91 -9.73
N THR A 127 -5.19 20.74 -8.74
CA THR A 127 -5.29 22.17 -8.96
C THR A 127 -3.94 22.87 -9.06
N VAL A 128 -2.84 22.16 -8.77
CA VAL A 128 -1.50 22.73 -8.91
C VAL A 128 -0.99 22.56 -10.34
N MET A 129 -1.15 21.35 -10.89
CA MET A 129 -0.53 21.02 -12.17
C MET A 129 -1.39 21.42 -13.36
N TYR A 130 -2.70 21.38 -13.24
CA TYR A 130 -3.58 21.51 -14.40
C TYR A 130 -3.64 22.94 -14.94
N PRO A 131 -3.50 23.99 -14.12
CA PRO A 131 -3.26 25.32 -14.70
C PRO A 131 -2.02 25.36 -15.58
N ALA A 132 -0.98 24.60 -15.22
CA ALA A 132 0.20 24.50 -16.07
C ALA A 132 -0.06 23.60 -17.28
N TYR A 133 -0.89 22.57 -17.12
CA TYR A 133 -1.27 21.73 -18.26
C TYR A 133 -1.96 22.54 -19.34
N ALA A 134 -2.76 23.54 -18.94
CA ALA A 134 -3.49 24.34 -19.92
C ALA A 134 -2.53 25.15 -20.80
N LYS A 135 -1.45 25.65 -20.22
CA LYS A 135 -0.48 26.40 -21.00
C LYS A 135 0.30 25.52 -21.97
N TRP A 136 0.51 24.25 -21.60
CA TRP A 136 1.34 23.36 -22.40
C TRP A 136 0.61 22.73 -23.56
N VAL A 137 -0.72 22.76 -23.57
CA VAL A 137 -1.52 22.13 -24.60
C VAL A 137 -2.07 23.20 -25.53
N GLN A 138 -1.54 23.26 -26.75
CA GLN A 138 -2.07 24.11 -27.81
C GLN A 138 -2.75 23.30 -28.91
N SER A 139 -2.09 22.27 -29.43
CA SER A 139 -2.65 21.37 -30.42
C SER A 139 -2.67 19.96 -29.86
N HIS A 140 -3.30 19.06 -30.61
CA HIS A 140 -3.37 17.66 -30.19
C HIS A 140 -2.00 16.98 -30.22
N ARG A 141 -1.02 17.57 -30.91
CA ARG A 141 0.32 17.01 -30.94
C ARG A 141 1.05 17.16 -29.62
N ASP A 142 0.63 18.11 -28.77
CA ASP A 142 1.21 18.27 -27.45
C ASP A 142 0.73 17.22 -26.46
N LEU A 143 -0.20 16.36 -26.85
CA LEU A 143 -0.72 15.28 -26.04
C LEU A 143 -0.17 13.94 -26.53
N PRO A 144 -0.01 12.96 -25.64
CA PRO A 144 -0.35 13.04 -24.21
C PRO A 144 0.73 13.66 -23.32
N ILE A 145 0.31 14.11 -22.15
CA ILE A 145 1.22 14.56 -21.09
C ILE A 145 1.08 13.58 -19.93
N LYS A 146 2.17 12.88 -19.61
CA LYS A 146 2.15 11.86 -18.56
C LYS A 146 3.25 12.20 -17.55
N LEU A 147 2.84 12.75 -16.41
CA LEU A 147 3.75 13.22 -15.38
C LEU A 147 3.48 12.51 -14.06
N ASN A 148 4.53 12.32 -13.28
CA ASN A 148 4.45 11.72 -11.96
C ASN A 148 5.42 12.44 -11.04
N GLN A 149 5.05 12.54 -9.76
CA GLN A 149 5.96 13.11 -8.78
C GLN A 149 5.89 12.31 -7.50
N TRP A 150 7.07 12.11 -6.89
CA TRP A 150 7.19 11.51 -5.57
C TRP A 150 7.32 12.64 -4.56
N CYS A 151 6.37 12.73 -3.64
CA CYS A 151 6.30 13.89 -2.75
C CYS A 151 5.39 13.55 -1.57
N ASN A 152 5.15 14.54 -0.72
CA ASN A 152 4.29 14.41 0.44
C ASN A 152 3.05 15.27 0.25
N VAL A 153 1.90 14.77 0.73
CA VAL A 153 0.66 15.54 0.76
C VAL A 153 0.11 15.51 2.17
N VAL A 154 -0.75 16.46 2.47
CA VAL A 154 -1.30 16.65 3.81
C VAL A 154 -2.81 16.62 3.73
N ARG A 155 -3.44 15.78 4.57
CA ARG A 155 -4.89 15.71 4.69
C ARG A 155 -5.20 15.76 6.19
N TRP A 156 -5.52 16.95 6.68
CA TRP A 156 -5.62 17.19 8.12
C TRP A 156 -7.02 16.87 8.62
N GLU A 157 -7.32 15.57 8.62
CA GLU A 157 -8.58 15.11 9.18
C GLU A 157 -8.46 14.95 10.70
N PHE A 158 -9.60 15.07 11.38
CA PHE A 158 -9.65 14.94 12.83
C PHE A 158 -10.14 13.57 13.28
N LYS A 159 -10.14 12.59 12.37
CA LYS A 159 -10.45 11.22 12.75
C LYS A 159 -9.24 10.60 13.45
N HIS A 160 -9.44 9.40 13.99
CA HIS A 160 -8.37 8.74 14.73
C HIS A 160 -7.27 8.28 13.78
N PRO A 161 -6.02 8.72 13.96
CA PRO A 161 -4.96 8.31 13.06
C PRO A 161 -4.36 6.97 13.44
N GLN A 162 -3.67 6.36 12.47
CA GLN A 162 -2.95 5.11 12.66
C GLN A 162 -1.68 5.20 11.82
N PRO A 163 -0.53 4.83 12.36
CA PRO A 163 0.71 4.86 11.58
C PRO A 163 0.58 4.09 10.28
N PHE A 164 1.16 4.64 9.22
CA PHE A 164 1.10 4.11 7.86
C PHE A 164 -0.31 4.18 7.27
N LEU A 165 -1.28 3.58 7.96
CA LEU A 165 -2.61 3.40 7.37
C LEU A 165 -3.35 4.72 7.24
N ARG A 166 -3.44 5.48 8.34
CA ARG A 166 -4.26 6.69 8.40
C ARG A 166 -3.43 7.81 9.05
N THR A 167 -2.74 8.59 8.23
CA THR A 167 -1.86 9.64 8.73
C THR A 167 -2.25 10.98 8.10
N ARG A 168 -1.98 12.06 8.85
CA ARG A 168 -2.26 13.40 8.34
C ARG A 168 -1.28 13.81 7.25
N GLU A 169 -0.02 13.39 7.37
CA GLU A 169 0.96 13.53 6.31
C GLU A 169 1.42 12.14 5.87
N PHE A 170 1.52 11.94 4.56
CA PHE A 170 2.03 10.68 4.05
C PHE A 170 2.74 10.90 2.73
N LEU A 171 3.73 10.05 2.46
CA LEU A 171 4.44 10.06 1.19
C LEU A 171 3.67 9.24 0.16
N TRP A 172 3.79 9.65 -1.10
CA TRP A 172 3.14 8.91 -2.17
C TRP A 172 3.79 9.26 -3.49
N GLN A 173 3.33 8.59 -4.54
CA GLN A 173 3.44 9.08 -5.90
C GLN A 173 2.05 9.49 -6.37
N GLU A 174 1.99 10.47 -7.27
CA GLU A 174 0.74 10.82 -7.92
C GLU A 174 1.03 11.03 -9.40
N GLY A 175 0.38 10.24 -10.24
CA GLY A 175 0.49 10.37 -11.68
C GLY A 175 -0.69 11.16 -12.21
N HIS A 176 -0.42 12.00 -13.21
CA HIS A 176 -1.46 12.84 -13.81
C HIS A 176 -1.25 12.81 -15.32
N SER A 177 -2.14 12.13 -16.03
CA SER A 177 -2.04 12.01 -17.48
C SER A 177 -3.18 12.76 -18.15
N ALA A 178 -2.90 13.24 -19.36
CA ALA A 178 -3.89 13.94 -20.17
C ALA A 178 -3.76 13.45 -21.60
N PHE A 179 -4.87 12.99 -22.17
CA PHE A 179 -4.88 12.44 -23.52
C PHE A 179 -5.91 13.20 -24.37
N ALA A 180 -5.81 12.98 -25.68
CA ALA A 180 -6.77 13.58 -26.61
C ALA A 180 -8.01 12.73 -26.81
N THR A 181 -7.93 11.43 -26.52
CA THR A 181 -9.06 10.52 -26.67
C THR A 181 -9.37 9.86 -25.34
N MET A 182 -10.66 9.54 -25.15
CA MET A 182 -11.07 8.78 -23.97
C MET A 182 -10.49 7.38 -23.97
N GLU A 183 -10.23 6.82 -25.15
CA GLU A 183 -9.78 5.44 -25.24
C GLU A 183 -8.37 5.26 -24.69
N GLU A 184 -7.49 6.23 -24.95
CA GLU A 184 -6.17 6.21 -24.33
C GLU A 184 -6.27 6.28 -22.82
N ALA A 185 -7.12 7.16 -22.30
CA ALA A 185 -7.25 7.33 -20.86
C ALA A 185 -7.79 6.07 -20.20
N ALA A 186 -8.83 5.46 -20.79
CA ALA A 186 -9.41 4.25 -20.20
C ALA A 186 -8.40 3.11 -20.13
N GLU A 187 -7.48 3.04 -21.10
CA GLU A 187 -6.50 1.97 -21.09
C GLU A 187 -5.45 2.18 -20.01
N GLU A 188 -5.03 3.44 -19.79
CA GLU A 188 -4.02 3.69 -18.77
C GLU A 188 -4.55 3.44 -17.37
N VAL A 189 -5.83 3.74 -17.14
CA VAL A 189 -6.42 3.51 -15.82
C VAL A 189 -6.22 2.07 -15.39
N LEU A 190 -6.50 1.13 -16.30
CA LEU A 190 -6.35 -0.29 -15.97
C LEU A 190 -4.87 -0.68 -15.90
N GLN A 191 -4.04 -0.10 -16.76
CA GLN A 191 -2.62 -0.41 -16.74
C GLN A 191 -1.99 0.00 -15.41
N ILE A 192 -2.25 1.23 -14.97
CA ILE A 192 -1.72 1.69 -13.69
C ILE A 192 -2.29 0.87 -12.55
N LEU A 193 -3.60 0.59 -12.58
CA LEU A 193 -4.22 -0.21 -11.53
C LEU A 193 -3.58 -1.58 -11.43
N ASP A 194 -3.21 -2.18 -12.57
CA ASP A 194 -2.58 -3.49 -12.53
C ASP A 194 -1.16 -3.41 -11.97
N LEU A 195 -0.45 -2.32 -12.23
CA LEU A 195 0.84 -2.12 -11.58
C LEU A 195 0.68 -2.02 -10.06
N TYR A 196 -0.39 -1.35 -9.61
CA TYR A 196 -0.68 -1.31 -8.18
C TYR A 196 -0.93 -2.70 -7.63
N ALA A 197 -1.70 -3.51 -8.36
CA ALA A 197 -1.90 -4.89 -7.95
C ALA A 197 -0.59 -5.67 -7.95
N GLN A 198 0.26 -5.40 -8.94
CA GLN A 198 1.57 -6.06 -8.99
C GLN A 198 2.41 -5.69 -7.79
N VAL A 199 2.31 -4.44 -7.33
CA VAL A 199 3.06 -4.02 -6.15
C VAL A 199 2.59 -4.81 -4.93
N TYR A 200 1.28 -4.94 -4.75
CA TYR A 200 0.76 -5.65 -3.59
C TYR A 200 0.98 -7.15 -3.72
N GLU A 201 0.68 -7.72 -4.88
CA GLU A 201 0.74 -9.17 -5.03
C GLU A 201 2.18 -9.67 -5.15
N GLU A 202 2.98 -9.05 -6.02
CA GLU A 202 4.31 -9.58 -6.31
C GLU A 202 5.39 -9.04 -5.37
N LEU A 203 5.28 -7.79 -4.92
CA LEU A 203 6.26 -7.24 -4.00
C LEU A 203 5.90 -7.50 -2.54
N LEU A 204 4.69 -7.14 -2.13
CA LEU A 204 4.28 -7.23 -0.75
C LEU A 204 3.60 -8.56 -0.41
N ALA A 205 3.38 -9.43 -1.39
CA ALA A 205 2.71 -10.71 -1.18
C ALA A 205 1.33 -10.53 -0.54
N ILE A 206 0.63 -9.47 -0.95
CA ILE A 206 -0.68 -9.13 -0.42
C ILE A 206 -1.69 -9.26 -1.56
N PRO A 207 -2.74 -10.05 -1.42
CA PRO A 207 -3.77 -10.11 -2.46
C PRO A 207 -4.71 -8.92 -2.35
N VAL A 208 -5.21 -8.49 -3.51
CA VAL A 208 -6.12 -7.36 -3.60
C VAL A 208 -7.27 -7.71 -4.52
N VAL A 209 -8.37 -6.97 -4.36
CA VAL A 209 -9.54 -7.09 -5.22
C VAL A 209 -9.62 -5.85 -6.08
N LYS A 210 -9.53 -6.03 -7.39
CA LYS A 210 -9.72 -4.92 -8.33
C LYS A 210 -11.21 -4.64 -8.47
N GLY A 211 -11.57 -3.37 -8.44
CA GLY A 211 -12.96 -3.01 -8.56
C GLY A 211 -13.15 -1.54 -8.83
N ARG A 212 -14.40 -1.15 -9.00
CA ARG A 212 -14.80 0.22 -9.26
C ARG A 212 -15.51 0.77 -8.03
N LYS A 213 -15.14 1.98 -7.63
CA LYS A 213 -15.81 2.63 -6.50
C LYS A 213 -17.23 3.00 -6.88
N THR A 214 -18.11 3.01 -5.87
CA THR A 214 -19.48 3.46 -6.10
C THR A 214 -19.51 4.97 -6.29
N GLU A 215 -20.68 5.48 -6.67
CA GLU A 215 -20.84 6.92 -6.88
C GLU A 215 -20.55 7.69 -5.59
N LYS A 216 -20.92 7.12 -4.44
CA LYS A 216 -20.67 7.80 -3.17
C LYS A 216 -19.18 7.87 -2.86
N GLU A 217 -18.42 6.82 -3.20
CA GLU A 217 -17.04 6.69 -2.78
C GLU A 217 -16.02 7.08 -3.85
N LYS A 218 -16.46 7.40 -5.06
CA LYS A 218 -15.51 7.73 -6.11
C LYS A 218 -14.89 9.11 -5.87
N PHE A 219 -13.78 9.35 -6.57
CA PHE A 219 -13.06 10.61 -6.42
C PHE A 219 -13.94 11.78 -6.85
N ALA A 220 -14.01 12.80 -5.99
CA ALA A 220 -14.84 13.97 -6.27
C ALA A 220 -14.32 14.71 -7.48
N GLY A 221 -15.19 14.90 -8.47
CA GLY A 221 -14.83 15.58 -9.69
C GLY A 221 -14.38 14.66 -10.82
N GLY A 222 -14.29 13.35 -10.59
CA GLY A 222 -13.95 12.42 -11.62
C GLY A 222 -15.18 11.71 -12.17
N ASP A 223 -14.96 10.98 -13.27
CA ASP A 223 -16.05 10.19 -13.85
C ASP A 223 -16.23 8.87 -13.12
N TYR A 224 -15.18 8.04 -13.09
CA TYR A 224 -15.21 6.82 -12.31
C TYR A 224 -13.85 6.62 -11.65
N THR A 225 -13.86 5.86 -10.56
CA THR A 225 -12.65 5.56 -9.79
C THR A 225 -12.48 4.05 -9.70
N THR A 226 -11.32 3.58 -10.12
CA THR A 226 -10.94 2.19 -9.93
C THR A 226 -10.02 2.07 -8.74
N THR A 227 -10.11 0.94 -8.05
CA THR A 227 -9.37 0.79 -6.80
C THR A 227 -8.94 -0.66 -6.62
N ILE A 228 -7.99 -0.87 -5.72
CA ILE A 228 -7.62 -2.19 -5.22
C ILE A 228 -7.89 -2.20 -3.73
N GLU A 229 -8.70 -3.16 -3.29
CA GLU A 229 -9.09 -3.26 -1.89
C GLU A 229 -8.30 -4.39 -1.23
N ALA A 230 -7.69 -4.10 -0.09
CA ALA A 230 -6.96 -5.08 0.70
C ALA A 230 -7.75 -5.38 1.98
N PHE A 231 -7.55 -6.58 2.50
CA PHE A 231 -8.29 -7.06 3.66
C PHE A 231 -7.33 -7.34 4.80
N ILE A 232 -7.66 -6.84 5.98
CA ILE A 232 -6.89 -7.08 7.20
C ILE A 232 -7.67 -8.11 8.01
N SER A 233 -7.17 -9.36 8.00
CA SER A 233 -7.92 -10.44 8.62
C SER A 233 -8.00 -10.30 10.14
N ALA A 234 -7.00 -9.69 10.76
CA ALA A 234 -6.97 -9.58 12.22
C ALA A 234 -8.13 -8.74 12.73
N SER A 235 -8.51 -7.69 11.98
CA SER A 235 -9.59 -6.81 12.38
C SER A 235 -10.88 -7.05 11.62
N GLY A 236 -10.85 -7.83 10.56
CA GLY A 236 -12.02 -7.97 9.71
C GLY A 236 -12.39 -6.71 8.97
N ARG A 237 -11.44 -5.81 8.78
CA ARG A 237 -11.68 -4.54 8.10
C ARG A 237 -10.85 -4.47 6.82
N ALA A 238 -11.40 -3.80 5.82
CA ALA A 238 -10.71 -3.58 4.55
C ALA A 238 -10.14 -2.18 4.50
N ILE A 239 -9.32 -1.93 3.47
CA ILE A 239 -8.67 -0.64 3.31
C ILE A 239 -8.28 -0.49 1.85
N GLN A 240 -8.34 0.73 1.34
CA GLN A 240 -7.98 1.01 -0.04
C GLN A 240 -6.46 1.03 -0.19
N GLY A 241 -5.91 0.08 -0.94
CA GLY A 241 -4.48 0.00 -1.13
C GLY A 241 -3.94 0.94 -2.19
N GLY A 242 -4.78 1.38 -3.10
CA GLY A 242 -4.36 2.28 -4.17
C GLY A 242 -5.56 2.62 -5.02
N THR A 243 -5.40 3.64 -5.84
CA THR A 243 -6.53 4.10 -6.64
C THR A 243 -6.04 4.69 -7.95
N SER A 244 -6.89 4.57 -8.98
CA SER A 244 -6.60 5.06 -10.32
C SER A 244 -7.89 5.66 -10.86
N HIS A 245 -7.94 6.99 -10.98
CA HIS A 245 -9.15 7.68 -11.38
C HIS A 245 -9.13 8.01 -12.87
N HIS A 246 -10.30 7.95 -13.48
CA HIS A 246 -10.53 8.56 -14.79
C HIS A 246 -11.27 9.87 -14.56
N LEU A 247 -10.55 10.98 -14.70
CA LEU A 247 -11.14 12.29 -14.49
C LEU A 247 -12.01 12.74 -15.67
N GLY A 248 -11.91 12.06 -16.81
CA GLY A 248 -12.68 12.47 -17.98
C GLY A 248 -12.30 13.87 -18.42
N GLN A 249 -13.32 14.68 -18.71
CA GLN A 249 -13.13 16.06 -19.11
C GLN A 249 -13.53 17.04 -18.01
N ASN A 250 -13.78 16.55 -16.79
CA ASN A 250 -14.27 17.43 -15.73
C ASN A 250 -13.21 18.43 -15.32
N PHE A 251 -11.95 18.01 -15.21
CA PHE A 251 -10.90 18.93 -14.79
C PHE A 251 -10.36 19.76 -15.95
N SER A 252 -10.35 19.21 -17.17
CA SER A 252 -9.94 19.99 -18.33
C SER A 252 -10.94 21.08 -18.67
N LYS A 253 -12.20 20.93 -18.28
CA LYS A 253 -13.17 22.02 -18.41
C LYS A 253 -12.98 23.06 -17.31
N MET A 254 -12.53 22.65 -16.13
CA MET A 254 -12.32 23.60 -15.05
C MET A 254 -11.15 24.53 -15.34
N PHE A 255 -10.07 23.99 -15.92
CA PHE A 255 -8.84 24.74 -16.13
C PHE A 255 -8.56 25.03 -17.60
N GLU A 256 -9.49 24.70 -18.50
CA GLU A 256 -9.39 25.01 -19.92
C GLU A 256 -8.13 24.38 -20.54
N ILE A 257 -8.03 23.07 -20.38
CA ILE A 257 -6.99 22.29 -21.06
C ILE A 257 -7.62 21.84 -22.38
N VAL A 258 -7.46 22.66 -23.42
CA VAL A 258 -8.15 22.47 -24.68
C VAL A 258 -7.13 22.39 -25.81
N PHE A 259 -7.60 21.87 -26.95
CA PHE A 259 -6.78 21.77 -28.14
C PHE A 259 -7.70 21.79 -29.36
N GLU A 260 -7.17 22.29 -30.47
CA GLU A 260 -7.95 22.34 -31.71
C GLU A 260 -8.15 20.94 -32.26
N ASP A 261 -9.39 20.65 -32.65
CA ASP A 261 -9.73 19.32 -33.16
C ASP A 261 -9.01 19.05 -34.47
N PRO A 262 -8.15 18.03 -34.54
CA PRO A 262 -7.48 17.72 -35.82
C PRO A 262 -8.42 17.20 -36.89
N LYS A 263 -9.66 16.83 -36.54
CA LYS A 263 -10.62 16.31 -37.49
C LYS A 263 -11.83 17.21 -37.69
N ILE A 264 -11.93 18.31 -36.95
CA ILE A 264 -13.03 19.25 -37.12
C ILE A 264 -12.53 20.66 -36.82
N PRO A 265 -12.18 21.44 -37.83
CA PRO A 265 -11.68 22.81 -37.58
C PRO A 265 -12.74 23.67 -36.92
N GLY A 266 -12.27 24.67 -36.18
CA GLY A 266 -13.16 25.57 -35.47
C GLY A 266 -13.57 25.10 -34.09
N GLU A 267 -14.10 23.88 -34.00
CA GLU A 267 -14.49 23.33 -32.71
C GLU A 267 -13.26 22.94 -31.90
N LYS A 268 -13.34 23.17 -30.59
CA LYS A 268 -12.26 22.81 -29.69
C LYS A 268 -12.67 21.63 -28.82
N GLN A 269 -11.68 20.84 -28.42
CA GLN A 269 -11.88 19.64 -27.64
C GLN A 269 -11.25 19.79 -26.25
N PHE A 270 -11.85 19.15 -25.27
CA PHE A 270 -11.31 19.09 -23.92
C PHE A 270 -10.51 17.81 -23.75
N ALA A 271 -9.40 17.91 -23.00
CA ALA A 271 -8.54 16.76 -22.82
C ALA A 271 -9.15 15.76 -21.84
N TYR A 272 -8.93 14.48 -22.10
CA TYR A 272 -9.32 13.42 -21.18
C TYR A 272 -8.16 13.14 -20.23
N GLN A 273 -8.43 13.13 -18.93
CA GLN A 273 -7.37 13.07 -17.93
C GLN A 273 -7.60 11.92 -16.97
N ASN A 274 -6.49 11.43 -16.41
CA ASN A 274 -6.50 10.47 -15.32
C ASN A 274 -5.58 10.97 -14.22
N SER A 275 -5.80 10.46 -13.00
CA SER A 275 -4.87 10.62 -11.90
C SER A 275 -4.86 9.34 -11.09
N TRP A 276 -3.69 9.01 -10.53
CA TRP A 276 -3.52 7.74 -9.83
C TRP A 276 -2.45 7.89 -8.75
N GLY A 277 -2.69 7.29 -7.60
CA GLY A 277 -1.81 7.49 -6.46
C GLY A 277 -1.64 6.22 -5.64
N LEU A 278 -0.44 6.09 -5.06
CA LEU A 278 -0.06 4.99 -4.18
C LEU A 278 0.80 5.55 -3.07
N THR A 279 0.50 5.17 -1.83
CA THR A 279 1.10 5.82 -0.66
C THR A 279 1.86 4.81 0.20
N THR A 280 2.43 5.30 1.29
CA THR A 280 3.12 4.48 2.29
C THR A 280 2.16 3.63 3.12
N ARG A 281 0.85 3.79 2.93
CA ARG A 281 -0.12 2.88 3.52
C ARG A 281 0.21 1.42 3.19
N THR A 282 0.86 1.20 2.05
CA THR A 282 1.32 -0.13 1.65
C THR A 282 2.09 -0.82 2.78
N ILE A 283 3.02 -0.09 3.41
CA ILE A 283 3.87 -0.69 4.44
C ILE A 283 3.03 -1.14 5.62
N GLY A 284 2.06 -0.33 6.04
CA GLY A 284 1.23 -0.72 7.17
C GLY A 284 0.35 -1.92 6.87
N VAL A 285 -0.13 -2.03 5.63
CA VAL A 285 -0.88 -3.22 5.23
C VAL A 285 0.02 -4.44 5.26
N MET A 286 1.26 -4.29 4.79
CA MET A 286 2.24 -5.37 4.90
C MET A 286 2.43 -5.80 6.35
N THR A 287 2.48 -4.84 7.26
CA THR A 287 2.62 -5.15 8.68
C THR A 287 1.39 -5.86 9.22
N MET A 288 0.20 -5.36 8.86
CA MET A 288 -1.03 -5.92 9.41
C MET A 288 -1.31 -7.33 8.89
N VAL A 289 -0.90 -7.63 7.65
CA VAL A 289 -1.22 -8.90 7.03
C VAL A 289 -0.22 -9.99 7.41
N HIS A 290 1.07 -9.71 7.27
CA HIS A 290 2.08 -10.75 7.45
C HIS A 290 2.65 -10.81 8.85
N GLY A 291 2.56 -9.74 9.63
CA GLY A 291 3.13 -9.76 10.97
C GLY A 291 2.44 -10.75 11.87
N ASP A 292 3.23 -11.39 12.73
CA ASP A 292 2.73 -12.39 13.68
C ASP A 292 3.04 -11.95 15.10
N ASN A 293 2.85 -12.87 16.05
CA ASN A 293 3.10 -12.57 17.45
C ASN A 293 4.58 -12.51 17.80
N MET A 294 5.47 -12.84 16.86
CA MET A 294 6.91 -12.72 17.09
C MET A 294 7.47 -11.41 16.55
N GLY A 295 6.68 -10.64 15.82
CA GLY A 295 7.07 -9.35 15.32
C GLY A 295 6.76 -9.18 13.85
N LEU A 296 7.52 -8.31 13.20
CA LEU A 296 7.34 -8.04 11.78
C LEU A 296 7.76 -9.27 10.95
N VAL A 297 7.23 -9.32 9.73
CA VAL A 297 7.60 -10.35 8.75
C VAL A 297 7.75 -9.65 7.41
N LEU A 298 8.98 -9.64 6.87
CA LEU A 298 9.24 -8.94 5.63
C LEU A 298 9.17 -9.89 4.45
N PRO A 299 8.37 -9.60 3.43
CA PRO A 299 8.45 -10.36 2.18
C PRO A 299 9.83 -10.21 1.57
N PRO A 300 10.46 -11.31 1.14
CA PRO A 300 11.83 -11.22 0.62
C PRO A 300 12.00 -10.24 -0.54
N ARG A 301 10.94 -9.95 -1.29
CA ARG A 301 11.06 -9.03 -2.42
C ARG A 301 11.32 -7.60 -1.96
N VAL A 302 10.84 -7.22 -0.78
CA VAL A 302 10.98 -5.85 -0.29
C VAL A 302 11.87 -5.75 0.93
N ALA A 303 12.39 -6.86 1.44
CA ALA A 303 13.27 -6.82 2.60
C ALA A 303 14.63 -6.27 2.17
N CYS A 304 15.03 -5.15 2.78
CA CYS A 304 16.36 -4.61 2.51
C CYS A 304 17.46 -5.56 2.99
N VAL A 305 17.18 -6.40 3.98
CA VAL A 305 18.05 -7.48 4.39
C VAL A 305 17.26 -8.78 4.25
N GLN A 306 17.61 -9.58 3.25
CA GLN A 306 16.94 -10.85 3.04
C GLN A 306 17.49 -11.94 3.93
N VAL A 307 18.80 -11.92 4.17
CA VAL A 307 19.48 -12.91 5.01
C VAL A 307 20.38 -12.17 5.98
N VAL A 308 20.24 -12.47 7.27
CA VAL A 308 21.11 -11.93 8.30
C VAL A 308 21.94 -13.07 8.86
N ILE A 309 23.26 -12.88 8.89
CA ILE A 309 24.19 -13.91 9.34
C ILE A 309 24.54 -13.64 10.80
N ILE A 310 24.35 -14.65 11.64
CA ILE A 310 24.56 -14.52 13.08
C ILE A 310 25.54 -15.60 13.53
N PRO A 311 26.70 -15.26 14.08
CA PRO A 311 27.59 -16.29 14.63
C PRO A 311 27.02 -16.88 15.90
N CYS A 312 27.17 -18.20 16.05
CA CYS A 312 26.60 -18.94 17.16
C CYS A 312 27.70 -19.63 17.95
N GLY A 313 27.29 -20.32 19.02
CA GLY A 313 28.21 -21.04 19.88
C GLY A 313 29.12 -20.13 20.68
N SER A 319 36.67 -18.55 23.16
CA SER A 319 38.03 -18.38 22.66
C SER A 319 38.25 -16.99 22.08
N GLU A 320 39.41 -16.77 21.48
CA GLU A 320 39.71 -15.50 20.83
C GLU A 320 40.15 -15.74 19.39
N GLU A 321 40.76 -16.90 19.13
CA GLU A 321 41.08 -17.31 17.77
C GLU A 321 39.91 -18.02 17.11
N ASP A 322 39.22 -18.90 17.85
CA ASP A 322 38.01 -19.51 17.33
C ASP A 322 36.91 -18.47 17.15
N LYS A 323 36.94 -17.39 17.94
CA LYS A 323 36.02 -16.28 17.71
C LYS A 323 36.30 -15.61 16.38
N GLU A 324 37.58 -15.43 16.04
CA GLU A 324 37.93 -14.87 14.75
C GLU A 324 37.57 -15.82 13.61
N ALA A 325 37.56 -17.13 13.88
CA ALA A 325 37.18 -18.09 12.86
C ALA A 325 35.73 -17.92 12.44
N LEU A 326 34.83 -17.78 13.43
CA LEU A 326 33.42 -17.58 13.12
C LEU A 326 33.20 -16.29 12.33
N ILE A 327 33.97 -15.25 12.64
CA ILE A 327 33.85 -13.98 11.91
C ILE A 327 34.24 -14.17 10.45
N ALA A 328 35.33 -14.89 10.20
CA ALA A 328 35.79 -15.10 8.83
C ALA A 328 34.78 -15.91 8.03
N LYS A 329 34.19 -16.94 8.64
CA LYS A 329 33.22 -17.76 7.92
C LYS A 329 31.93 -16.99 7.67
N CYS A 330 31.51 -16.15 8.62
CA CYS A 330 30.34 -15.32 8.40
C CYS A 330 30.57 -14.34 7.25
N ASN A 331 31.77 -13.79 7.15
CA ASN A 331 32.09 -12.95 6.00
C ASN A 331 32.15 -13.74 4.70
N ASP A 332 32.56 -15.01 4.78
CA ASP A 332 32.60 -15.84 3.57
C ASP A 332 31.19 -16.09 3.04
N TYR A 333 30.26 -16.47 3.92
CA TYR A 333 28.87 -16.61 3.50
C TYR A 333 28.29 -15.28 3.04
N ARG A 334 28.71 -14.18 3.64
CA ARG A 334 28.19 -12.87 3.27
C ARG A 334 28.58 -12.52 1.83
N ARG A 335 29.86 -12.68 1.49
CA ARG A 335 30.31 -12.35 0.14
C ARG A 335 29.71 -13.31 -0.89
N ARG A 336 29.56 -14.58 -0.53
CA ARG A 336 28.99 -15.54 -1.46
C ARG A 336 27.53 -15.21 -1.77
N LEU A 337 26.79 -14.72 -0.78
CA LEU A 337 25.40 -14.34 -1.01
C LEU A 337 25.28 -13.06 -1.82
N LEU A 338 26.20 -12.11 -1.63
CA LEU A 338 26.21 -10.92 -2.46
C LEU A 338 26.48 -11.26 -3.92
N SER A 339 27.25 -12.32 -4.17
CA SER A 339 27.58 -12.68 -5.54
C SER A 339 26.36 -13.23 -6.30
N VAL A 340 25.41 -13.81 -5.59
CA VAL A 340 24.17 -14.27 -6.20
C VAL A 340 23.04 -13.26 -6.00
N ASN A 341 23.38 -11.99 -5.76
CA ASN A 341 22.41 -10.90 -5.66
C ASN A 341 21.40 -11.12 -4.53
N ILE A 342 21.90 -11.55 -3.37
CA ILE A 342 21.07 -11.73 -2.19
C ILE A 342 21.47 -10.67 -1.18
N ARG A 343 20.52 -9.83 -0.79
CA ARG A 343 20.76 -8.75 0.16
C ARG A 343 21.04 -9.36 1.54
N VAL A 344 22.31 -9.36 1.92
CA VAL A 344 22.77 -10.04 3.13
C VAL A 344 23.50 -9.05 4.01
N ARG A 345 23.38 -9.24 5.32
CA ARG A 345 24.11 -8.45 6.31
C ARG A 345 24.55 -9.38 7.43
N ALA A 346 25.74 -9.12 7.98
CA ALA A 346 26.28 -9.91 9.07
C ALA A 346 26.27 -9.09 10.35
N ASP A 347 25.71 -9.66 11.42
CA ASP A 347 25.69 -9.02 12.72
C ASP A 347 26.84 -9.61 13.54
N LEU A 348 28.00 -8.97 13.44
CA LEU A 348 29.21 -9.42 14.12
C LEU A 348 29.48 -8.64 15.40
N ARG A 349 28.47 -7.97 15.94
CA ARG A 349 28.65 -7.17 17.14
C ARG A 349 28.98 -8.06 18.34
N ASP A 350 30.06 -7.72 19.04
CA ASP A 350 30.54 -8.52 20.15
C ASP A 350 29.83 -8.24 21.47
N ASN A 351 29.06 -7.16 21.55
CA ASN A 351 28.40 -6.79 22.79
C ASN A 351 26.99 -7.37 22.92
N TYR A 352 26.51 -8.10 21.91
CA TYR A 352 25.20 -8.74 21.96
C TYR A 352 25.39 -10.24 21.77
N SER A 353 24.75 -11.02 22.65
CA SER A 353 24.86 -12.47 22.58
C SER A 353 24.05 -13.00 21.39
N PRO A 354 24.32 -14.24 20.96
CA PRO A 354 23.52 -14.81 19.86
C PRO A 354 22.03 -14.86 20.16
N GLY A 355 21.65 -15.24 21.38
CA GLY A 355 20.24 -15.29 21.72
C GLY A 355 19.55 -13.94 21.57
N TRP A 356 20.24 -12.86 21.94
CA TRP A 356 19.69 -11.53 21.76
C TRP A 356 19.51 -11.21 20.29
N LYS A 357 20.48 -11.56 19.46
CA LYS A 357 20.38 -11.29 18.03
C LYS A 357 19.27 -12.10 17.39
N PHE A 358 19.07 -13.34 17.84
CA PHE A 358 17.95 -14.15 17.36
C PHE A 358 16.63 -13.42 17.59
N ASN A 359 16.41 -12.93 18.81
CA ASN A 359 15.18 -12.19 19.10
C ASN A 359 15.12 -10.88 18.34
N HIS A 360 16.26 -10.19 18.23
CA HIS A 360 16.27 -8.87 17.59
C HIS A 360 15.88 -8.96 16.12
N TRP A 361 16.60 -9.77 15.35
CA TRP A 361 16.32 -9.88 13.93
C TRP A 361 15.01 -10.60 13.64
N GLU A 362 14.53 -11.41 14.58
CA GLU A 362 13.18 -11.96 14.46
C GLU A 362 12.13 -10.86 14.53
N LEU A 363 12.33 -9.90 15.44
CA LEU A 363 11.41 -8.76 15.55
C LEU A 363 11.39 -7.92 14.28
N LYS A 364 12.53 -7.79 13.61
CA LYS A 364 12.61 -6.95 12.42
C LYS A 364 12.13 -7.65 11.16
N GLY A 365 11.88 -8.95 11.21
CA GLY A 365 11.24 -9.63 10.11
C GLY A 365 12.15 -10.07 8.98
N VAL A 366 13.45 -10.18 9.23
CA VAL A 366 14.36 -10.66 8.18
C VAL A 366 13.92 -12.06 7.75
N PRO A 367 13.77 -12.33 6.45
CA PRO A 367 13.22 -13.63 6.03
C PRO A 367 14.04 -14.83 6.50
N ILE A 368 15.37 -14.74 6.47
CA ILE A 368 16.22 -15.87 6.81
C ILE A 368 17.28 -15.40 7.81
N ARG A 369 17.40 -16.14 8.91
CA ARG A 369 18.48 -15.93 9.88
C ARG A 369 19.52 -17.02 9.66
N LEU A 370 20.67 -16.62 9.10
CA LEU A 370 21.75 -17.56 8.82
C LEU A 370 22.60 -17.72 10.07
N GLU A 371 22.62 -18.93 10.63
CA GLU A 371 23.26 -19.19 11.91
C GLU A 371 24.46 -20.11 11.71
N VAL A 372 25.63 -19.66 12.13
CA VAL A 372 26.88 -20.39 11.97
C VAL A 372 27.53 -20.53 13.35
N GLY A 373 27.69 -21.77 13.81
CA GLY A 373 28.35 -22.03 15.07
C GLY A 373 29.65 -22.80 14.87
N PRO A 374 30.37 -23.05 15.97
CA PRO A 374 31.62 -23.82 15.84
C PRO A 374 31.42 -25.23 15.33
N ARG A 375 30.40 -25.94 15.83
CA ARG A 375 30.16 -27.30 15.39
C ARG A 375 29.59 -27.34 13.97
N ASP A 376 28.77 -26.35 13.60
CA ASP A 376 28.24 -26.30 12.24
C ASP A 376 29.33 -25.93 11.24
N MET A 377 30.23 -25.03 11.62
CA MET A 377 31.30 -24.61 10.71
C MET A 377 32.28 -25.74 10.45
N LYS A 378 32.69 -26.46 11.50
CA LYS A 378 33.63 -27.57 11.33
C LYS A 378 33.01 -28.73 10.56
N SER A 379 31.68 -28.80 10.49
CA SER A 379 30.98 -29.82 9.73
C SER A 379 30.53 -29.33 8.36
N CYS A 380 30.99 -28.16 7.94
CA CYS A 380 30.59 -27.55 6.67
C CYS A 380 29.07 -27.42 6.57
N GLN A 381 28.48 -26.88 7.63
CA GLN A 381 27.03 -26.74 7.73
C GLN A 381 26.68 -25.37 8.31
N PHE A 382 25.39 -25.07 8.32
CA PHE A 382 24.83 -23.89 8.92
C PHE A 382 23.31 -24.03 8.97
N VAL A 383 22.70 -23.44 9.98
CA VAL A 383 21.26 -23.54 10.20
C VAL A 383 20.59 -22.29 9.64
N ALA A 384 19.67 -22.49 8.70
CA ALA A 384 18.91 -21.41 8.10
C ALA A 384 17.48 -21.48 8.63
N VAL A 385 17.01 -20.37 9.20
CA VAL A 385 15.70 -20.31 9.86
C VAL A 385 14.77 -19.45 9.01
N ARG A 386 13.67 -20.03 8.57
CA ARG A 386 12.67 -19.30 7.81
C ARG A 386 11.82 -18.45 8.76
N ARG A 387 11.68 -17.16 8.42
CA ARG A 387 10.90 -16.28 9.29
C ARG A 387 9.41 -16.60 9.23
N ASP A 388 8.91 -17.02 8.07
CA ASP A 388 7.47 -17.21 7.93
C ASP A 388 6.96 -18.41 8.71
N THR A 389 7.75 -19.48 8.78
CA THR A 389 7.32 -20.71 9.42
C THR A 389 8.14 -21.10 10.64
N GLY A 390 9.30 -20.49 10.86
CA GLY A 390 10.16 -20.87 11.96
C GLY A 390 10.94 -22.15 11.76
N GLU A 391 10.86 -22.76 10.58
CA GLU A 391 11.55 -24.02 10.33
C GLU A 391 13.06 -23.83 10.35
N LYS A 392 13.76 -24.71 11.06
CA LYS A 392 15.21 -24.71 11.10
C LYS A 392 15.71 -25.69 10.06
N LEU A 393 16.41 -25.18 9.04
CA LEU A 393 16.88 -25.98 7.92
C LEU A 393 18.39 -26.11 7.99
N THR A 394 18.88 -27.33 8.19
CA THR A 394 20.30 -27.60 8.15
C THR A 394 20.75 -27.70 6.69
N VAL A 395 21.61 -26.78 6.27
CA VAL A 395 22.04 -26.66 4.88
C VAL A 395 23.55 -26.79 4.81
N ALA A 396 24.02 -27.57 3.83
CA ALA A 396 25.46 -27.74 3.63
C ALA A 396 26.06 -26.48 3.02
N GLU A 397 27.37 -26.32 3.20
CA GLU A 397 28.05 -25.12 2.74
C GLU A 397 28.11 -25.06 1.22
N ASN A 398 28.27 -26.21 0.56
CA ASN A 398 28.41 -26.21 -0.90
C ASN A 398 27.12 -25.77 -1.60
N GLU A 399 25.97 -25.98 -0.96
CA GLU A 399 24.68 -25.64 -1.54
C GLU A 399 24.09 -24.36 -0.94
N ALA A 400 24.94 -23.45 -0.48
CA ALA A 400 24.46 -22.26 0.23
C ALA A 400 23.72 -21.31 -0.71
N GLU A 401 24.31 -21.03 -1.87
CA GLU A 401 23.72 -20.04 -2.78
C GLU A 401 22.39 -20.52 -3.34
N THR A 402 22.32 -21.79 -3.75
CA THR A 402 21.10 -22.30 -4.39
C THR A 402 19.99 -22.56 -3.38
N LYS A 403 20.33 -23.07 -2.20
CA LYS A 403 19.29 -23.37 -1.21
C LYS A 403 18.69 -22.10 -0.64
N LEU A 404 19.51 -21.09 -0.35
CA LEU A 404 19.00 -19.86 0.22
C LEU A 404 18.14 -19.09 -0.78
N GLN A 405 18.46 -19.18 -2.07
CA GLN A 405 17.58 -18.58 -3.08
C GLN A 405 16.25 -19.31 -3.13
N ALA A 406 16.27 -20.64 -3.04
CA ALA A 406 15.02 -21.40 -3.04
C ALA A 406 14.17 -21.11 -1.82
N ILE A 407 14.81 -20.97 -0.65
CA ILE A 407 14.08 -20.65 0.57
C ILE A 407 13.45 -19.27 0.46
N LEU A 408 14.20 -18.28 -0.03
CA LEU A 408 13.65 -16.95 -0.21
C LEU A 408 12.47 -16.96 -1.18
N GLU A 409 12.58 -17.73 -2.26
CA GLU A 409 11.47 -17.84 -3.20
C GLU A 409 10.26 -18.51 -2.55
N ASP A 410 10.49 -19.53 -1.72
CA ASP A 410 9.37 -20.23 -1.09
C ASP A 410 8.75 -19.40 0.03
N ILE A 411 9.52 -18.50 0.64
CA ILE A 411 8.95 -17.61 1.65
C ILE A 411 8.00 -16.62 1.01
N GLN A 412 8.41 -16.03 -0.12
CA GLN A 412 7.54 -15.10 -0.84
C GLN A 412 6.25 -15.79 -1.27
N VAL A 413 6.36 -17.01 -1.80
CA VAL A 413 5.18 -17.74 -2.26
C VAL A 413 4.29 -18.10 -1.08
N THR A 414 4.89 -18.56 0.03
CA THR A 414 4.10 -18.96 1.19
C THR A 414 3.34 -17.78 1.77
N LEU A 415 4.01 -16.63 1.89
CA LEU A 415 3.33 -15.45 2.43
C LEU A 415 2.14 -15.04 1.57
N PHE A 416 2.31 -15.07 0.25
CA PHE A 416 1.22 -14.69 -0.64
C PHE A 416 0.11 -15.74 -0.63
N THR A 417 0.47 -17.02 -0.62
CA THR A 417 -0.54 -18.07 -0.66
C THR A 417 -1.40 -18.05 0.61
N ARG A 418 -0.76 -17.92 1.78
CA ARG A 418 -1.53 -17.88 3.02
C ARG A 418 -2.41 -16.64 3.08
N ALA A 419 -1.89 -15.50 2.64
CA ALA A 419 -2.70 -14.29 2.61
C ALA A 419 -3.81 -14.38 1.56
N SER A 420 -3.57 -15.11 0.47
CA SER A 420 -4.58 -15.25 -0.57
C SER A 420 -5.75 -16.09 -0.08
N GLU A 421 -5.46 -17.28 0.47
CA GLU A 421 -6.54 -18.14 0.96
C GLU A 421 -7.22 -17.55 2.17
N ASP A 422 -6.51 -16.72 2.94
CA ASP A 422 -7.15 -16.01 4.06
C ASP A 422 -8.20 -15.04 3.55
N LEU A 423 -7.91 -14.34 2.44
CA LEU A 423 -8.88 -13.44 1.85
C LEU A 423 -10.05 -14.20 1.22
N LYS A 424 -9.75 -15.29 0.53
CA LYS A 424 -10.80 -16.06 -0.14
C LYS A 424 -11.80 -16.63 0.85
N THR A 425 -11.33 -17.10 2.01
CA THR A 425 -12.22 -17.65 3.00
C THR A 425 -13.00 -16.59 3.76
N HIS A 426 -12.55 -15.33 3.69
CA HIS A 426 -13.21 -14.24 4.40
C HIS A 426 -14.02 -13.33 3.47
N MET A 427 -14.24 -13.73 2.22
CA MET A 427 -15.04 -12.96 1.27
C MET A 427 -16.08 -13.89 0.66
N VAL A 428 -17.34 -13.70 1.06
CA VAL A 428 -18.43 -14.55 0.60
C VAL A 428 -19.57 -13.69 0.07
N VAL A 429 -20.69 -14.34 -0.28
CA VAL A 429 -21.81 -13.68 -0.92
C VAL A 429 -23.05 -13.83 -0.03
N ALA A 430 -23.79 -12.73 0.11
CA ALA A 430 -25.08 -12.74 0.77
C ALA A 430 -26.09 -11.98 -0.08
N ASN A 431 -27.35 -12.39 -0.01
CA ASN A 431 -28.41 -11.81 -0.81
C ASN A 431 -29.51 -11.16 0.01
N THR A 432 -29.45 -11.23 1.34
CA THR A 432 -30.39 -10.56 2.21
C THR A 432 -29.61 -9.78 3.27
N MET A 433 -30.28 -8.77 3.85
CA MET A 433 -29.65 -8.01 4.92
C MET A 433 -29.39 -8.87 6.15
N GLU A 434 -30.24 -9.86 6.40
CA GLU A 434 -30.05 -10.72 7.56
C GLU A 434 -28.76 -11.52 7.44
N ASP A 435 -28.55 -12.17 6.28
CA ASP A 435 -27.30 -12.89 6.06
C ASP A 435 -26.13 -11.93 5.97
N PHE A 436 -26.34 -10.76 5.39
CA PHE A 436 -25.29 -9.73 5.34
C PHE A 436 -24.79 -9.39 6.73
N GLN A 437 -25.72 -9.10 7.65
CA GLN A 437 -25.33 -8.72 9.00
C GLN A 437 -24.63 -9.86 9.73
N LYS A 438 -25.18 -11.08 9.61
CA LYS A 438 -24.58 -12.22 10.30
C LYS A 438 -23.17 -12.51 9.81
N ILE A 439 -22.97 -12.46 8.49
CA ILE A 439 -21.63 -12.68 7.95
C ILE A 439 -20.70 -11.53 8.33
N LEU A 440 -21.22 -10.30 8.32
CA LEU A 440 -20.40 -9.15 8.68
C LEU A 440 -19.93 -9.22 10.13
N ASP A 441 -20.75 -9.79 11.02
CA ASP A 441 -20.37 -9.90 12.42
C ASP A 441 -19.35 -11.00 12.68
N SER A 442 -19.15 -11.91 11.73
CA SER A 442 -18.15 -12.95 11.87
C SER A 442 -16.77 -12.52 11.40
N GLY A 443 -16.62 -11.26 10.98
CA GLY A 443 -15.33 -10.75 10.56
C GLY A 443 -15.03 -10.90 9.08
N LYS A 444 -16.05 -10.93 8.23
CA LYS A 444 -15.87 -11.11 6.80
C LYS A 444 -16.34 -9.88 6.03
N ILE A 445 -15.93 -9.81 4.77
CA ILE A 445 -16.46 -8.84 3.83
C ILE A 445 -17.39 -9.58 2.87
N VAL A 446 -18.45 -8.91 2.44
CA VAL A 446 -19.54 -9.56 1.73
C VAL A 446 -19.79 -8.84 0.41
N GLN A 447 -20.04 -9.63 -0.64
CA GLN A 447 -20.51 -9.12 -1.92
C GLN A 447 -22.02 -9.28 -1.98
N ILE A 448 -22.74 -8.18 -2.14
CA ILE A 448 -24.20 -8.19 -2.06
C ILE A 448 -24.80 -7.58 -3.32
N PRO A 449 -26.03 -7.97 -3.69
CA PRO A 449 -26.70 -7.28 -4.81
C PRO A 449 -27.02 -5.85 -4.45
N PHE A 450 -26.37 -4.88 -5.09
CA PHE A 450 -26.47 -3.47 -4.73
C PHE A 450 -27.07 -2.68 -5.88
N CYS A 451 -27.96 -1.74 -5.54
CA CYS A 451 -28.60 -0.90 -6.54
C CYS A 451 -27.72 0.25 -6.99
N GLY A 452 -26.71 0.61 -6.22
CA GLY A 452 -25.77 1.65 -6.57
C GLY A 452 -26.09 3.01 -6.00
N GLU A 453 -27.32 3.22 -5.51
CA GLU A 453 -27.74 4.54 -5.05
C GLU A 453 -27.02 4.92 -3.76
N ILE A 454 -26.76 6.22 -3.61
CA ILE A 454 -26.08 6.72 -2.42
C ILE A 454 -26.98 6.60 -1.20
N ASP A 455 -28.28 6.85 -1.36
CA ASP A 455 -29.19 6.79 -0.22
C ASP A 455 -29.26 5.39 0.36
N CYS A 456 -29.30 4.37 -0.50
CA CYS A 456 -29.31 3.00 -0.02
C CYS A 456 -27.99 2.65 0.66
N GLU A 457 -26.88 3.15 0.13
CA GLU A 457 -25.58 2.88 0.74
C GLU A 457 -25.47 3.50 2.13
N ASP A 458 -26.05 4.70 2.31
CA ASP A 458 -26.11 5.28 3.64
C ASP A 458 -26.98 4.44 4.57
N TRP A 459 -28.09 3.92 4.06
CA TRP A 459 -28.96 3.08 4.88
C TRP A 459 -28.28 1.78 5.26
N ILE A 460 -27.46 1.23 4.35
CA ILE A 460 -26.72 0.01 4.66
C ILE A 460 -25.74 0.25 5.81
N LYS A 461 -25.03 1.38 5.76
CA LYS A 461 -24.08 1.69 6.83
C LYS A 461 -24.80 1.95 8.15
N LYS A 462 -25.96 2.62 8.10
CA LYS A 462 -26.70 2.91 9.32
C LYS A 462 -27.29 1.64 9.92
N THR A 463 -27.85 0.76 9.07
CA THR A 463 -28.45 -0.46 9.57
C THR A 463 -27.40 -1.42 10.15
N THR A 464 -26.24 -1.50 9.50
CA THR A 464 -25.20 -2.41 9.97
C THR A 464 -24.37 -1.83 11.11
N ALA A 465 -24.56 -0.56 11.46
CA ALA A 465 -23.82 0.02 12.58
C ALA A 465 -24.49 -0.30 13.91
N ARG A 466 -25.80 -0.06 13.99
CA ARG A 466 -26.58 -0.31 15.20
C ARG A 466 -26.01 0.42 16.41
N SER A 476 -15.99 3.52 12.14
CA SER A 476 -17.41 3.20 12.19
C SER A 476 -17.63 1.69 12.19
N MET A 477 -18.54 1.22 13.06
CA MET A 477 -18.85 -0.20 13.13
C MET A 477 -19.73 -0.66 11.96
N GLY A 478 -20.32 0.27 11.21
CA GLY A 478 -21.13 -0.11 10.08
C GLY A 478 -20.32 -0.41 8.83
N ALA A 479 -20.96 -1.11 7.90
CA ALA A 479 -20.33 -1.48 6.65
C ALA A 479 -20.53 -0.39 5.60
N LYS A 480 -19.45 -0.05 4.91
CA LYS A 480 -19.50 0.83 3.75
C LYS A 480 -19.07 0.06 2.52
N SER A 481 -19.34 0.63 1.35
CA SER A 481 -18.96 -0.02 0.12
C SER A 481 -17.44 -0.02 -0.04
N LEU A 482 -16.90 -1.11 -0.56
CA LEU A 482 -15.48 -1.23 -0.82
C LEU A 482 -15.17 -1.04 -2.31
N CYS A 483 -15.75 -1.87 -3.17
CA CYS A 483 -15.60 -1.71 -4.60
C CYS A 483 -16.65 -2.56 -5.30
N ILE A 484 -16.92 -2.19 -6.55
CA ILE A 484 -17.70 -3.03 -7.46
C ILE A 484 -16.70 -3.94 -8.18
N PRO A 485 -16.60 -5.21 -7.81
CA PRO A 485 -15.51 -6.04 -8.33
C PRO A 485 -15.55 -6.16 -9.85
N PHE A 486 -14.37 -6.08 -10.47
CA PHE A 486 -14.27 -6.36 -11.89
C PHE A 486 -14.71 -7.78 -12.20
N LYS A 487 -14.31 -8.73 -11.36
CA LYS A 487 -14.68 -10.15 -11.49
C LYS A 487 -15.43 -10.54 -10.22
N PRO A 488 -16.74 -10.37 -10.18
CA PRO A 488 -17.49 -10.77 -8.98
C PRO A 488 -17.56 -12.28 -8.83
N LEU A 489 -17.86 -12.71 -7.61
CA LEU A 489 -17.94 -14.13 -7.31
C LEU A 489 -19.12 -14.79 -8.00
N CYS A 490 -20.22 -14.05 -8.19
CA CYS A 490 -21.39 -14.56 -8.87
C CYS A 490 -22.03 -13.42 -9.66
N GLU A 491 -23.12 -13.74 -10.35
CA GLU A 491 -23.76 -12.80 -11.27
C GLU A 491 -25.22 -12.60 -10.90
N LEU A 492 -25.76 -11.46 -11.29
CA LEU A 492 -27.17 -11.16 -11.10
C LEU A 492 -28.01 -11.93 -12.12
N GLN A 493 -29.32 -11.93 -11.90
CA GLN A 493 -30.29 -12.52 -12.80
C GLN A 493 -31.44 -11.55 -12.99
N PRO A 494 -32.19 -11.67 -14.09
CA PRO A 494 -33.34 -10.78 -14.30
C PRO A 494 -34.31 -10.75 -13.13
N GLY A 495 -34.48 -9.59 -12.52
CA GLY A 495 -35.36 -9.43 -11.38
C GLY A 495 -34.69 -9.46 -10.04
N ALA A 496 -33.36 -9.60 -10.00
CA ALA A 496 -32.64 -9.60 -8.72
C ALA A 496 -32.78 -8.25 -8.06
N LYS A 497 -33.36 -8.23 -6.87
CA LYS A 497 -33.57 -7.00 -6.11
C LYS A 497 -32.38 -6.72 -5.21
N CYS A 498 -32.14 -5.44 -4.95
CA CYS A 498 -31.08 -5.03 -4.06
C CYS A 498 -31.41 -5.45 -2.63
N VAL A 499 -30.40 -5.37 -1.76
CA VAL A 499 -30.58 -5.71 -0.35
C VAL A 499 -31.58 -4.79 0.31
N CYS A 500 -31.78 -3.57 -0.22
CA CYS A 500 -32.79 -2.68 0.31
C CYS A 500 -34.20 -3.15 -0.05
N GLY A 501 -34.34 -3.97 -1.09
CA GLY A 501 -35.62 -4.49 -1.50
C GLY A 501 -36.49 -3.57 -2.32
N LYS A 502 -36.15 -2.28 -2.41
CA LYS A 502 -36.95 -1.31 -3.13
C LYS A 502 -36.47 -1.09 -4.56
N ASN A 503 -35.16 -1.10 -4.80
CA ASN A 503 -34.60 -0.90 -6.12
C ASN A 503 -34.02 -2.20 -6.67
N PRO A 504 -34.05 -2.40 -7.98
CA PRO A 504 -33.37 -3.56 -8.57
C PRO A 504 -31.87 -3.44 -8.43
N ALA A 505 -31.21 -4.60 -8.46
CA ALA A 505 -29.77 -4.66 -8.27
C ALA A 505 -29.05 -4.37 -9.59
N LYS A 506 -28.05 -3.49 -9.53
CA LYS A 506 -27.27 -3.14 -10.71
C LYS A 506 -25.97 -3.93 -10.82
N TYR A 507 -25.34 -4.28 -9.70
CA TYR A 507 -24.10 -5.03 -9.71
C TYR A 507 -23.85 -5.62 -8.33
N TYR A 508 -23.20 -6.78 -8.30
CA TYR A 508 -22.70 -7.32 -7.05
C TYR A 508 -21.56 -6.44 -6.55
N THR A 509 -21.71 -5.93 -5.34
CA THR A 509 -20.78 -4.95 -4.78
C THR A 509 -20.21 -5.48 -3.47
N LEU A 510 -18.91 -5.27 -3.27
CA LEU A 510 -18.21 -5.72 -2.07
C LEU A 510 -18.37 -4.71 -0.96
N PHE A 511 -18.87 -5.16 0.19
CA PHE A 511 -19.06 -4.33 1.37
C PHE A 511 -18.28 -4.90 2.55
N GLY A 512 -18.12 -4.08 3.57
CA GLY A 512 -17.47 -4.50 4.79
C GLY A 512 -16.97 -3.32 5.58
N ARG A 513 -16.72 -3.57 6.87
CA ARG A 513 -16.11 -2.56 7.72
C ARG A 513 -14.75 -2.17 7.15
N SER A 514 -14.40 -0.89 7.26
CA SER A 514 -13.23 -0.36 6.58
C SER A 514 -12.39 0.50 7.52
N TYR A 515 -11.14 0.68 7.13
CA TYR A 515 -10.23 1.58 7.84
C TYR A 515 -10.39 3.00 7.33
N PRO B . -4.96 12.41 -6.90
CA PRO B . -5.66 11.14 -6.69
C PRO B . -6.15 10.97 -5.25
O PRO B . -6.91 10.05 -4.95
CB PRO B . -4.62 10.08 -7.05
CG PRO B . -3.31 10.76 -6.86
CD PRO B . -3.54 12.19 -7.25
OXT PRO B . -5.79 11.75 -4.37
N1 MU5 C . -2.16 6.69 2.76
N3 MU5 C . -5.09 9.57 5.23
C4 MU5 C . -3.71 8.01 4.02
C5 MU5 C . -5.01 8.78 4.15
C6 MU5 C . -6.27 10.41 5.48
C7 MU5 C . -5.95 11.53 6.47
C8 MU5 C . -6.35 10.95 7.80
C10 MU5 C . -7.40 9.61 6.13
C13 MU5 C . -6.50 10.64 10.17
C15 MU5 C . -5.60 7.91 -0.51
C17 MU5 C . -4.73 7.67 -2.83
N MU5 C . -4.18 7.34 1.74
C MU5 C . -4.23 6.36 0.80
O MU5 C . -3.51 5.37 0.82
C1 MU5 C . -3.33 7.34 2.85
C11 MU5 C . -7.68 9.15 8.70
C12 MU5 C . -7.33 9.55 9.98
C14 MU5 C . -6.01 11.33 9.08
C16 MU5 C . -4.76 8.54 -1.59
C18 MU5 C . -4.29 6.27 -2.49
C19 MU5 C . -5.14 5.69 -1.39
C2 MU5 C . -1.38 6.73 3.85
C3 MU5 C . -1.76 7.39 5.01
C9 MU5 C . -7.19 9.85 7.60
N2 MU5 C . -2.93 8.03 5.11
N4 MU5 C . -5.12 6.56 -0.21
O1 MU5 C . -5.89 8.68 3.31
C1 EDO D . 15.34 8.55 -3.84
O1 EDO D . 16.78 8.44 -3.79
C2 EDO D . 14.79 8.67 -2.43
O2 EDO D . 14.99 7.44 -1.74
C1 EDO E . 24.95 -5.34 12.87
O1 EDO E . 24.82 -4.09 13.54
C2 EDO E . 24.64 -5.13 11.40
O2 EDO E . 23.39 -4.46 11.27
C1 EDO F . -5.52 -11.54 4.17
O1 EDO F . -5.05 -10.54 3.25
C2 EDO F . -4.81 -11.37 5.51
O2 EDO F . -5.17 -10.11 6.07
C1 EDO G . 22.78 -10.43 26.59
O1 EDO G . 21.59 -10.70 25.85
C2 EDO G . 23.88 -9.99 25.63
O2 EDO G . 23.37 -8.98 24.76
N NO3 H . -14.38 4.12 -22.65
O1 NO3 H . -13.39 4.70 -23.18
O2 NO3 H . -15.39 3.81 -23.34
O3 NO3 H . -14.34 3.82 -21.42
C1 EDO I . -13.77 0.51 -15.08
O1 EDO I . -14.06 -0.89 -15.03
C2 EDO I . -13.37 0.90 -16.49
O2 EDO I . -12.17 0.22 -16.86
ZN ZN J . -30.55 -0.59 -2.82
C1 EDO K . 18.12 -0.29 5.74
O1 EDO K . 18.78 0.88 5.26
C2 EDO K . 17.91 -0.18 7.26
O2 EDO K . 19.15 -0.47 7.93
C1 EDO L . 6.28 -25.33 4.57
O1 EDO L . 6.73 -26.67 4.29
C2 EDO L . 5.96 -24.62 3.26
O2 EDO L . 7.07 -24.74 2.37
C1 EDO M . 8.62 9.70 -1.89
O1 EDO M . 7.27 10.03 -2.23
C2 EDO M . 9.32 10.94 -1.35
O2 EDO M . 10.50 10.56 -0.64
C1 EDO N . -17.19 24.60 -8.80
O1 EDO N . -16.83 24.70 -7.40
C2 EDO N . -17.95 23.30 -9.03
O2 EDO N . -17.44 22.66 -10.21
C1 EDO O . 3.37 7.76 7.63
O1 EDO O . 3.42 7.13 8.90
C2 EDO O . 4.65 8.55 7.40
O2 EDO O . 4.69 9.02 6.04
CL CL P . 12.43 11.05 -3.64
#